data_4NHV
#
_entry.id   4NHV
#
_cell.length_a   98.457
_cell.length_b   98.457
_cell.length_c   262.172
_cell.angle_alpha   90.000
_cell.angle_beta   90.000
_cell.angle_gamma   120.000
#
_symmetry.space_group_name_H-M   'P 62 2 2'
#
loop_
_entity.id
_entity.type
_entity.pdbx_description
1 polymer 'Dihydropteroate synthase'
2 non-polymer 'SULFATE ION'
3 non-polymer 5-(trifluoromethyl)-1,2-benzoxazol-3-amine
4 water water
#
_entity_poly.entity_id   1
_entity_poly.type   'polypeptide(L)'
_entity_poly.pdbx_seq_one_letter_code
;MGSSHHHHHHSSGLVPRGSHMKWDYDLRCGEYTLNLNEKTLIMGILNVTPDSFSDGGSYNEVDAAVRHAKEMRDEGAHII
DIGGESTRPGFAKVSVEEEIKRVVPMIQAVSKEVKLPISIDTYKAEVAKQAIEAGAHIINDIWGAKAEPKIAEVAAHYDV
PIILMHNRDNMNYRNLMADMIADLYDSIKIAKDAGVRDENIILDPGIGFAKTPEQNLEAMRNLEQLNVLGYPVLLGTSRK
SFIGHVLDLPVEERLEGTGATVCLGIEKGCEFVRVHDVKEMSRMAKMMDAMIGKGVK
;
_entity_poly.pdbx_strand_id   A,B
#
# COMPACT_ATOMS: atom_id res chain seq x y z
N MET A 21 -2.70 39.14 -14.21
CA MET A 21 -3.45 40.12 -13.44
C MET A 21 -2.77 40.46 -12.11
N LYS A 22 -3.42 40.05 -11.02
CA LYS A 22 -2.99 40.34 -9.66
C LYS A 22 -1.58 39.82 -9.34
N TRP A 23 -1.28 38.61 -9.82
CA TRP A 23 0.03 38.00 -9.61
C TRP A 23 0.85 37.92 -10.89
N ASP A 24 2.05 38.50 -10.87
CA ASP A 24 2.93 38.49 -12.03
C ASP A 24 4.01 37.42 -11.90
N TYR A 25 3.79 36.47 -11.00
CA TYR A 25 4.62 35.28 -10.93
C TYR A 25 3.73 34.08 -10.72
N ASP A 26 4.23 32.91 -11.11
CA ASP A 26 3.62 31.63 -10.77
C ASP A 26 4.29 31.13 -9.50
N LEU A 27 3.60 30.28 -8.76
CA LEU A 27 4.20 29.65 -7.59
C LEU A 27 4.98 28.41 -8.04
N ARG A 28 6.30 28.45 -7.89
CA ARG A 28 7.15 27.35 -8.34
C ARG A 28 7.27 26.22 -7.32
N CYS A 29 6.85 25.02 -7.71
CA CYS A 29 6.89 23.86 -6.81
C CYS A 29 7.63 22.68 -7.43
N GLY A 30 8.93 22.86 -7.65
CA GLY A 30 9.74 21.82 -8.23
C GLY A 30 9.27 21.46 -9.62
N GLU A 31 8.78 20.24 -9.78
CA GLU A 31 8.26 19.78 -11.06
C GLU A 31 6.91 20.41 -11.39
N TYR A 32 6.20 20.88 -10.37
CA TYR A 32 4.86 21.42 -10.57
C TYR A 32 4.89 22.95 -10.52
N THR A 33 3.95 23.58 -11.21
CA THR A 33 3.80 25.03 -11.19
C THR A 33 2.35 25.41 -10.95
N LEU A 34 2.10 26.26 -9.96
CA LEU A 34 0.74 26.68 -9.64
C LEU A 34 0.47 28.14 -10.07
N ASN A 35 -0.48 28.31 -10.99
CA ASN A 35 -0.89 29.64 -11.41
C ASN A 35 -1.81 30.24 -10.36
N LEU A 36 -1.47 31.45 -9.89
CA LEU A 36 -2.20 32.09 -8.81
C LEU A 36 -3.39 32.91 -9.32
N ASN A 37 -3.49 33.08 -10.63
CA ASN A 37 -4.50 33.95 -11.23
C ASN A 37 -5.74 33.28 -11.81
N GLU A 38 -5.59 32.07 -12.36
CA GLU A 38 -6.66 31.50 -13.17
C GLU A 38 -7.78 30.82 -12.37
N LYS A 39 -7.47 30.38 -11.15
CA LYS A 39 -8.49 29.77 -10.29
C LYS A 39 -8.03 29.66 -8.84
N THR A 40 -9.01 29.57 -7.95
CA THR A 40 -8.71 29.35 -6.54
C THR A 40 -8.10 27.96 -6.43
N LEU A 41 -6.97 27.86 -5.74
CA LEU A 41 -6.26 26.59 -5.61
C LEU A 41 -6.80 25.80 -4.42
N ILE A 42 -7.11 24.53 -4.64
CA ILE A 42 -7.69 23.70 -3.59
C ILE A 42 -6.61 22.85 -2.92
N MET A 43 -6.43 23.01 -1.61
CA MET A 43 -5.48 22.17 -0.90
C MET A 43 -6.21 21.11 -0.08
N GLY A 44 -6.05 19.84 -0.45
CA GLY A 44 -6.75 18.76 0.24
C GLY A 44 -6.03 18.31 1.49
N ILE A 45 -6.76 18.22 2.60
CA ILE A 45 -6.19 17.80 3.88
C ILE A 45 -6.09 16.29 4.02
N LEU A 46 -4.86 15.78 4.17
CA LEU A 46 -4.65 14.37 4.48
C LEU A 46 -3.99 14.25 5.87
N ASN A 47 -4.73 13.73 6.85
CA ASN A 47 -4.16 13.44 8.18
C ASN A 47 -3.76 11.96 8.28
N VAL A 48 -2.66 11.67 8.99
CA VAL A 48 -2.23 10.28 9.16
C VAL A 48 -3.24 9.50 10.00
N THR A 49 -3.52 8.26 9.58
CA THR A 49 -4.28 7.36 10.43
C THR A 49 -3.30 6.31 10.90
N PRO A 50 -2.68 6.56 12.06
CA PRO A 50 -1.56 5.76 12.56
C PRO A 50 -1.98 4.33 12.87
N ASP A 51 -1.10 3.37 12.61
CA ASP A 51 -1.29 2.00 13.09
C ASP A 51 -0.86 1.94 14.55
N SER A 52 -1.62 1.22 15.36
CA SER A 52 -1.40 1.19 16.81
C SER A 52 -0.22 0.32 17.23
N PHE A 53 0.27 -0.52 16.32
CA PHE A 53 1.35 -1.43 16.66
C PHE A 53 2.70 -1.10 16.03
N SER A 54 2.77 0.01 15.30
CA SER A 54 4.02 0.42 14.66
C SER A 54 4.24 1.93 14.75
N ASP A 55 5.47 2.35 14.51
CA ASP A 55 5.82 3.77 14.60
C ASP A 55 5.75 4.47 13.24
N GLY A 56 5.30 3.75 12.22
CA GLY A 56 5.12 4.32 10.90
C GLY A 56 5.52 3.44 9.74
N GLY A 57 5.07 3.80 8.54
CA GLY A 57 5.51 3.12 7.36
C GLY A 57 4.79 1.82 6.99
N SER A 58 3.85 1.38 7.82
CA SER A 58 3.08 0.13 7.58
CA SER A 58 3.13 0.12 7.57
C SER A 58 2.25 0.21 6.32
N TYR A 59 1.95 -0.95 5.73
CA TYR A 59 1.14 -0.97 4.51
C TYR A 59 -0.21 -0.31 4.70
N ASN A 60 -0.98 -0.79 5.67
CA ASN A 60 -2.33 -0.25 5.88
C ASN A 60 -2.33 1.28 6.10
N GLU A 61 -1.37 1.74 6.89
CA GLU A 61 -1.24 3.16 7.22
C GLU A 61 -1.02 3.99 5.96
N VAL A 62 0.00 3.61 5.21
CA VAL A 62 0.42 4.36 4.03
C VAL A 62 -0.56 4.15 2.88
N ASP A 63 -1.08 2.94 2.74
CA ASP A 63 -2.08 2.68 1.69
C ASP A 63 -3.34 3.50 1.90
N ALA A 64 -3.75 3.66 3.16
CA ALA A 64 -4.87 4.53 3.48
C ALA A 64 -4.56 5.95 3.00
N ALA A 65 -3.37 6.42 3.31
CA ALA A 65 -2.97 7.76 2.93
C ALA A 65 -2.97 7.89 1.41
N VAL A 66 -2.29 6.97 0.73
CA VAL A 66 -2.22 7.01 -0.72
C VAL A 66 -3.60 7.00 -1.38
N ARG A 67 -4.51 6.18 -0.87
CA ARG A 67 -5.86 6.11 -1.43
C ARG A 67 -6.63 7.44 -1.26
N HIS A 68 -6.52 8.05 -0.09
CA HIS A 68 -7.14 9.34 0.17
C HIS A 68 -6.55 10.46 -0.71
N ALA A 69 -5.27 10.34 -1.03
CA ALA A 69 -4.66 11.37 -1.88
C ALA A 69 -5.14 11.22 -3.32
N LYS A 70 -5.24 9.98 -3.81
CA LYS A 70 -5.75 9.77 -5.16
C LYS A 70 -7.20 10.26 -5.28
N GLU A 71 -7.99 9.95 -4.26
CA GLU A 71 -9.39 10.37 -4.19
C GLU A 71 -9.49 11.90 -4.26
N MET A 72 -8.71 12.59 -3.43
CA MET A 72 -8.76 14.04 -3.41
C MET A 72 -8.28 14.62 -4.72
N ARG A 73 -7.28 13.98 -5.32
CA ARG A 73 -6.82 14.35 -6.65
C ARG A 73 -7.96 14.25 -7.67
N ASP A 74 -8.65 13.11 -7.66
CA ASP A 74 -9.74 12.87 -8.60
C ASP A 74 -10.90 13.84 -8.36
N GLU A 75 -10.97 14.41 -7.16
CA GLU A 75 -12.08 15.30 -6.81
C GLU A 75 -11.79 16.78 -7.04
N GLY A 76 -10.57 17.09 -7.49
CA GLY A 76 -10.22 18.46 -7.84
C GLY A 76 -9.22 19.18 -6.94
N ALA A 77 -8.46 18.42 -6.15
CA ALA A 77 -7.44 19.02 -5.31
C ALA A 77 -6.20 19.36 -6.14
N HIS A 78 -5.56 20.48 -5.81
CA HIS A 78 -4.38 20.89 -6.54
C HIS A 78 -3.13 20.68 -5.72
N ILE A 79 -3.33 20.48 -4.42
CA ILE A 79 -2.22 20.31 -3.48
C ILE A 79 -2.68 19.29 -2.43
N ILE A 80 -1.79 18.37 -2.06
CA ILE A 80 -2.09 17.45 -0.96
C ILE A 80 -1.31 17.89 0.27
N ASP A 81 -2.02 18.25 1.33
CA ASP A 81 -1.40 18.67 2.59
C ASP A 81 -1.29 17.46 3.53
N ILE A 82 -0.05 17.10 3.88
CA ILE A 82 0.17 15.92 4.74
C ILE A 82 0.63 16.29 6.14
N GLY A 83 -0.08 15.79 7.14
CA GLY A 83 0.24 16.07 8.54
C GLY A 83 0.46 14.82 9.38
N GLY A 84 1.49 14.85 10.22
CA GLY A 84 1.74 13.78 11.17
C GLY A 84 0.94 14.01 12.44
N GLU A 85 1.34 13.34 13.52
CA GLU A 85 0.57 13.39 14.76
C GLU A 85 0.75 14.69 15.55
N SER A 86 1.93 15.29 15.47
CA SER A 86 2.26 16.47 16.26
C SER A 86 1.44 17.71 15.88
N THR A 87 0.95 17.75 14.64
CA THR A 87 0.19 18.89 14.15
C THR A 87 -1.32 18.72 14.38
N ARG A 88 -2.08 19.74 14.00
CA ARG A 88 -3.55 19.71 14.02
C ARG A 88 -4.10 18.43 13.38
N PRO A 89 -5.26 17.96 13.85
CA PRO A 89 -6.03 18.54 14.96
C PRO A 89 -5.68 17.89 16.29
N GLY A 90 -4.79 16.91 16.28
CA GLY A 90 -4.49 16.12 17.46
C GLY A 90 -3.46 16.70 18.41
N PHE A 91 -2.50 17.45 17.87
CA PHE A 91 -1.41 18.06 18.63
C PHE A 91 -0.74 17.10 19.63
N ALA A 92 -0.25 15.98 19.13
CA ALA A 92 0.40 14.99 19.98
C ALA A 92 1.79 15.44 20.44
N LYS A 93 2.15 15.08 21.67
CA LYS A 93 3.50 15.28 22.14
C LYS A 93 4.35 14.13 21.63
N VAL A 94 5.07 14.39 20.55
CA VAL A 94 5.85 13.37 19.86
C VAL A 94 7.19 13.95 19.38
N SER A 95 8.25 13.14 19.42
CA SER A 95 9.57 13.61 19.04
C SER A 95 9.73 13.71 17.53
N VAL A 96 10.70 14.48 17.07
CA VAL A 96 10.96 14.57 15.64
C VAL A 96 11.38 13.20 15.11
N GLU A 97 12.11 12.43 15.92
CA GLU A 97 12.50 11.07 15.57
C GLU A 97 11.27 10.24 15.26
N GLU A 98 10.31 10.22 16.20
CA GLU A 98 9.07 9.48 15.99
C GLU A 98 8.32 10.01 14.79
N GLU A 99 8.17 11.33 14.73
CA GLU A 99 7.37 11.95 13.69
C GLU A 99 7.88 11.67 12.28
N ILE A 100 9.19 11.58 12.13
CA ILE A 100 9.78 11.35 10.82
C ILE A 100 9.49 9.92 10.34
N LYS A 101 9.61 8.95 11.24
CA LYS A 101 9.22 7.56 10.98
C LYS A 101 7.81 7.46 10.39
N ARG A 102 6.95 8.39 10.79
CA ARG A 102 5.55 8.40 10.38
C ARG A 102 5.28 9.17 9.08
N VAL A 103 5.79 10.40 8.96
CA VAL A 103 5.44 11.22 7.82
C VAL A 103 6.26 10.94 6.55
N VAL A 104 7.52 10.54 6.73
CA VAL A 104 8.37 10.28 5.58
C VAL A 104 7.84 9.19 4.63
N PRO A 105 7.44 8.01 5.15
CA PRO A 105 6.85 6.99 4.27
C PRO A 105 5.62 7.50 3.52
N MET A 106 4.81 8.34 4.16
CA MET A 106 3.64 8.90 3.49
C MET A 106 4.01 9.85 2.35
N ILE A 107 4.98 10.72 2.59
CA ILE A 107 5.39 11.65 1.56
C ILE A 107 6.04 10.90 0.40
N GLN A 108 6.86 9.90 0.70
CA GLN A 108 7.49 9.10 -0.33
C GLN A 108 6.45 8.42 -1.23
N ALA A 109 5.48 7.76 -0.62
CA ALA A 109 4.49 7.04 -1.39
C ALA A 109 3.53 8.00 -2.12
N VAL A 110 3.03 9.00 -1.42
CA VAL A 110 2.08 9.93 -2.05
C VAL A 110 2.75 10.66 -3.21
N SER A 111 3.96 11.16 -3.01
CA SER A 111 4.64 11.93 -4.05
C SER A 111 4.86 11.07 -5.28
N LYS A 112 5.13 9.79 -5.04
CA LYS A 112 5.38 8.83 -6.11
C LYS A 112 4.11 8.48 -6.87
N GLU A 113 3.01 8.32 -6.13
CA GLU A 113 1.79 7.78 -6.72
C GLU A 113 0.78 8.85 -7.11
N VAL A 114 0.94 10.05 -6.58
CA VAL A 114 0.01 11.13 -6.85
C VAL A 114 0.75 12.36 -7.37
N LYS A 115 0.43 12.75 -8.60
CA LYS A 115 1.17 13.81 -9.27
C LYS A 115 0.55 15.18 -8.99
N LEU A 116 0.76 15.62 -7.76
CA LEU A 116 0.35 16.94 -7.31
C LEU A 116 1.44 17.41 -6.37
N PRO A 117 1.60 18.73 -6.21
CA PRO A 117 2.55 19.17 -5.20
C PRO A 117 2.06 18.74 -3.82
N ILE A 118 3.01 18.42 -2.92
CA ILE A 118 2.69 18.03 -1.55
C ILE A 118 3.16 19.10 -0.57
N SER A 119 2.29 19.52 0.34
CA SER A 119 2.75 20.37 1.44
C SER A 119 2.91 19.56 2.71
N ILE A 120 3.97 19.83 3.47
CA ILE A 120 4.15 19.18 4.76
C ILE A 120 3.64 20.11 5.87
N ASP A 121 2.66 19.62 6.62
CA ASP A 121 2.05 20.40 7.70
C ASP A 121 2.83 20.21 8.99
N THR A 122 3.82 21.08 9.21
CA THR A 122 4.65 20.97 10.41
C THR A 122 5.18 22.35 10.79
N TYR A 123 5.56 22.51 12.05
CA TYR A 123 6.19 23.75 12.52
C TYR A 123 7.61 23.41 12.97
N LYS A 124 8.04 22.17 12.71
CA LYS A 124 9.35 21.70 13.16
C LYS A 124 10.35 21.71 12.01
N ALA A 125 11.49 22.39 12.22
CA ALA A 125 12.50 22.52 11.18
C ALA A 125 12.96 21.17 10.62
N GLU A 126 13.32 20.24 11.50
CA GLU A 126 13.89 18.96 11.08
C GLU A 126 12.89 18.10 10.32
N VAL A 127 11.62 18.21 10.69
CA VAL A 127 10.57 17.48 10.00
C VAL A 127 10.38 18.06 8.61
N ALA A 128 10.35 19.40 8.54
CA ALA A 128 10.24 20.06 7.26
C ALA A 128 11.37 19.62 6.33
N LYS A 129 12.60 19.63 6.85
CA LYS A 129 13.76 19.31 6.04
C LYS A 129 13.64 17.90 5.44
N GLN A 130 13.38 16.91 6.29
CA GLN A 130 13.31 15.53 5.83
C GLN A 130 12.09 15.29 4.94
N ALA A 131 10.99 15.98 5.24
CA ALA A 131 9.81 15.92 4.38
C ALA A 131 10.15 16.36 2.96
N ILE A 132 10.89 17.44 2.85
CA ILE A 132 11.27 17.96 1.54
C ILE A 132 12.23 17.00 0.83
N GLU A 133 13.16 16.41 1.58
CA GLU A 133 14.06 15.39 1.05
C GLU A 133 13.23 14.22 0.53
N ALA A 134 12.16 13.93 1.25
CA ALA A 134 11.33 12.77 0.95
C ALA A 134 10.44 13.04 -0.25
N GLY A 135 10.25 14.32 -0.57
CA GLY A 135 9.52 14.67 -1.77
C GLY A 135 8.50 15.79 -1.65
N ALA A 136 8.31 16.33 -0.45
CA ALA A 136 7.38 17.45 -0.28
C ALA A 136 7.87 18.72 -0.99
N HIS A 137 6.94 19.59 -1.34
CA HIS A 137 7.25 20.74 -2.18
C HIS A 137 7.02 22.06 -1.48
N ILE A 138 6.18 22.02 -0.45
CA ILE A 138 5.72 23.24 0.22
C ILE A 138 5.72 23.00 1.72
N ILE A 139 6.15 23.99 2.49
CA ILE A 139 6.06 23.92 3.95
C ILE A 139 4.87 24.72 4.44
N ASN A 140 4.03 24.07 5.23
CA ASN A 140 2.85 24.70 5.82
C ASN A 140 3.05 24.77 7.34
N ASP A 141 3.31 25.96 7.87
CA ASP A 141 3.70 26.13 9.28
C ASP A 141 2.65 26.85 10.13
N ILE A 142 1.95 26.10 10.98
CA ILE A 142 0.92 26.69 11.85
C ILE A 142 1.45 27.68 12.88
N TRP A 143 2.77 27.78 13.05
CA TRP A 143 3.32 28.75 13.98
C TRP A 143 4.05 29.89 13.29
N GLY A 144 4.02 29.92 11.95
CA GLY A 144 4.55 31.05 11.20
C GLY A 144 6.03 31.28 11.45
N ALA A 145 6.79 30.18 11.46
CA ALA A 145 8.22 30.21 11.68
C ALA A 145 8.60 30.78 13.05
N LYS A 146 7.62 30.95 13.95
CA LYS A 146 7.95 31.47 15.27
C LYS A 146 8.34 30.39 16.30
N ALA A 147 7.73 29.21 16.22
CA ALA A 147 8.06 28.14 17.15
C ALA A 147 9.48 27.62 16.90
N GLU A 148 9.82 27.42 15.64
CA GLU A 148 11.16 26.99 15.26
C GLU A 148 11.67 27.78 14.08
N PRO A 149 12.30 28.95 14.34
CA PRO A 149 12.75 29.90 13.31
C PRO A 149 13.57 29.23 12.23
N LYS A 150 14.35 28.21 12.59
CA LYS A 150 15.17 27.49 11.62
C LYS A 150 14.37 26.85 10.48
N ILE A 151 13.05 26.80 10.62
CA ILE A 151 12.22 26.26 9.56
C ILE A 151 12.27 27.19 8.37
N ALA A 152 12.53 28.47 8.63
CA ALA A 152 12.61 29.47 7.57
C ALA A 152 13.91 29.28 6.81
N GLU A 153 14.95 28.82 7.52
CA GLU A 153 16.22 28.55 6.88
C GLU A 153 16.15 27.30 6.02
N VAL A 154 15.43 26.29 6.50
CA VAL A 154 15.18 25.10 5.72
C VAL A 154 14.51 25.52 4.42
N ALA A 155 13.45 26.32 4.56
CA ALA A 155 12.69 26.78 3.41
C ALA A 155 13.55 27.57 2.44
N ALA A 156 14.36 28.49 2.96
CA ALA A 156 15.23 29.29 2.11
C ALA A 156 16.22 28.38 1.39
N HIS A 157 16.82 27.48 2.17
CA HIS A 157 17.79 26.51 1.66
C HIS A 157 17.27 25.76 0.44
N TYR A 158 16.09 25.16 0.55
CA TYR A 158 15.51 24.33 -0.51
C TYR A 158 14.71 25.15 -1.52
N ASP A 159 14.55 26.44 -1.24
CA ASP A 159 13.87 27.36 -2.15
C ASP A 159 12.42 26.96 -2.40
N VAL A 160 11.77 26.43 -1.37
CA VAL A 160 10.35 26.03 -1.44
C VAL A 160 9.40 27.09 -0.90
N PRO A 161 8.16 27.09 -1.38
CA PRO A 161 7.19 28.01 -0.78
C PRO A 161 6.92 27.64 0.68
N ILE A 162 6.73 28.64 1.55
CA ILE A 162 6.34 28.37 2.93
C ILE A 162 5.08 29.14 3.31
N ILE A 163 4.12 28.43 3.89
CA ILE A 163 2.88 29.05 4.34
C ILE A 163 3.04 29.47 5.80
N LEU A 164 2.96 30.77 6.06
CA LEU A 164 3.11 31.29 7.42
C LEU A 164 1.74 31.59 7.99
N MET A 165 1.32 30.82 8.99
CA MET A 165 -0.03 30.99 9.54
C MET A 165 0.01 31.96 10.71
N HIS A 166 -1.05 32.76 10.87
CA HIS A 166 -1.15 33.57 12.08
C HIS A 166 -1.48 32.70 13.28
N ASN A 167 -0.71 32.82 14.35
CA ASN A 167 -0.96 32.06 15.56
C ASN A 167 -0.30 32.80 16.70
N ARG A 168 -0.71 32.47 17.93
CA ARG A 168 -0.11 33.04 19.14
C ARG A 168 -0.59 32.24 20.33
N ASP A 169 0.13 32.33 21.44
CA ASP A 169 -0.22 31.52 22.61
C ASP A 169 -1.33 32.15 23.46
N ASN A 170 -2.08 33.09 22.89
CA ASN A 170 -3.12 33.80 23.64
C ASN A 170 -4.19 34.50 22.78
N MET A 171 -5.30 34.87 23.40
CA MET A 171 -6.39 35.53 22.68
C MET A 171 -6.58 36.96 23.19
N ASN A 172 -5.50 37.53 23.70
CA ASN A 172 -5.54 38.87 24.27
C ASN A 172 -5.11 39.93 23.26
N TYR A 173 -6.02 40.25 22.34
CA TYR A 173 -5.76 41.23 21.31
C TYR A 173 -6.14 42.61 21.81
N ARG A 174 -5.56 43.64 21.20
CA ARG A 174 -5.99 44.99 21.44
C ARG A 174 -6.95 45.31 20.30
N ASN A 175 -6.47 45.08 19.08
CA ASN A 175 -7.33 45.15 17.91
C ASN A 175 -7.02 43.99 16.99
N LEU A 176 -7.95 43.03 16.95
CA LEU A 176 -7.75 41.77 16.24
C LEU A 176 -7.00 41.87 14.92
N MET A 177 -7.57 42.61 13.97
CA MET A 177 -7.00 42.61 12.62
C MET A 177 -5.65 43.31 12.54
N ALA A 178 -5.53 44.45 13.22
CA ALA A 178 -4.26 45.16 13.26
C ALA A 178 -3.20 44.25 13.88
N ASP A 179 -3.58 43.55 14.94
CA ASP A 179 -2.65 42.66 15.61
C ASP A 179 -2.29 41.48 14.73
N MET A 180 -3.27 40.94 14.02
CA MET A 180 -3.04 39.81 13.11
CA MET A 180 -3.05 39.83 13.10
C MET A 180 -2.01 40.22 12.07
N ILE A 181 -2.20 41.38 11.48
CA ILE A 181 -1.29 41.88 10.46
C ILE A 181 0.10 42.12 11.03
N ALA A 182 0.18 42.70 12.22
CA ALA A 182 1.46 42.86 12.89
C ALA A 182 2.15 41.51 13.10
N ASP A 183 1.41 40.55 13.65
CA ASP A 183 1.94 39.22 13.93
C ASP A 183 2.43 38.53 12.66
N LEU A 184 1.66 38.65 11.59
CA LEU A 184 2.04 38.02 10.32
C LEU A 184 3.29 38.68 9.79
N TYR A 185 3.37 40.00 9.93
CA TYR A 185 4.55 40.65 9.45
C TYR A 185 5.78 40.19 10.23
N ASP A 186 5.63 39.96 11.54
CA ASP A 186 6.73 39.43 12.33
C ASP A 186 7.19 38.08 11.75
N SER A 187 6.23 37.32 11.22
CA SER A 187 6.55 36.04 10.58
C SER A 187 7.30 36.28 9.27
N ILE A 188 6.80 37.22 8.47
CA ILE A 188 7.44 37.57 7.21
C ILE A 188 8.90 37.97 7.40
N LYS A 189 9.17 38.78 8.43
CA LYS A 189 10.52 39.25 8.73
C LYS A 189 11.46 38.08 9.07
N ILE A 190 10.99 37.14 9.86
CA ILE A 190 11.79 35.98 10.21
C ILE A 190 12.15 35.28 8.91
N ALA A 191 11.13 35.08 8.08
CA ALA A 191 11.29 34.36 6.82
C ALA A 191 12.30 35.07 5.89
N LYS A 192 12.07 36.34 5.62
CA LYS A 192 12.98 37.06 4.72
C LYS A 192 14.39 37.17 5.28
N ASP A 193 14.54 37.34 6.59
CA ASP A 193 15.86 37.43 7.21
C ASP A 193 16.65 36.12 7.07
N ALA A 194 15.93 35.02 6.84
CA ALA A 194 16.58 33.74 6.65
C ALA A 194 16.94 33.55 5.18
N GLY A 195 16.29 34.33 4.32
CA GLY A 195 16.59 34.28 2.90
C GLY A 195 15.43 33.85 2.03
N VAL A 196 14.26 33.69 2.62
CA VAL A 196 13.08 33.29 1.85
C VAL A 196 12.71 34.41 0.89
N ARG A 197 12.61 34.08 -0.40
CA ARG A 197 12.22 35.06 -1.42
C ARG A 197 10.73 35.37 -1.30
N ASP A 198 10.37 36.61 -1.61
CA ASP A 198 8.97 37.07 -1.51
C ASP A 198 8.00 36.13 -2.22
N GLU A 199 8.41 35.66 -3.39
CA GLU A 199 7.56 34.79 -4.20
C GLU A 199 7.33 33.41 -3.56
N ASN A 200 8.12 33.08 -2.54
CA ASN A 200 7.95 31.83 -1.82
C ASN A 200 7.19 31.98 -0.51
N ILE A 201 6.59 33.16 -0.31
CA ILE A 201 5.81 33.42 0.90
C ILE A 201 4.31 33.42 0.65
N ILE A 202 3.58 32.63 1.44
CA ILE A 202 2.13 32.60 1.44
C ILE A 202 1.67 32.84 2.88
N LEU A 203 0.58 33.57 3.08
CA LEU A 203 0.07 33.85 4.43
C LEU A 203 -1.25 33.12 4.69
N ASP A 204 -1.58 32.93 5.97
CA ASP A 204 -2.79 32.22 6.38
C ASP A 204 -3.29 32.91 7.63
N PRO A 205 -4.59 33.31 7.64
CA PRO A 205 -5.09 34.09 8.77
C PRO A 205 -5.22 33.30 10.08
N GLY A 206 -5.01 31.98 10.03
CA GLY A 206 -5.11 31.15 11.22
C GLY A 206 -6.46 31.17 11.88
N ILE A 207 -7.50 31.10 11.07
CA ILE A 207 -8.84 30.90 11.59
C ILE A 207 -8.89 29.62 12.43
N GLY A 208 -9.54 29.70 13.59
CA GLY A 208 -9.66 28.56 14.48
C GLY A 208 -8.50 28.44 15.44
N PHE A 209 -7.56 29.38 15.36
CA PHE A 209 -6.41 29.38 16.26
C PHE A 209 -6.31 30.68 17.05
N ALA A 210 -6.15 30.56 18.37
CA ALA A 210 -5.91 31.71 19.24
C ALA A 210 -6.97 32.80 19.09
N LYS A 211 -8.19 32.38 18.75
CA LYS A 211 -9.28 33.30 18.54
C LYS A 211 -10.58 32.74 19.14
N THR A 212 -11.33 33.60 19.80
CA THR A 212 -12.68 33.27 20.25
C THR A 212 -13.54 33.02 19.02
N PRO A 213 -14.72 32.40 19.21
CA PRO A 213 -15.62 32.21 18.07
C PRO A 213 -15.94 33.55 17.42
N GLU A 214 -16.16 34.57 18.24
CA GLU A 214 -16.50 35.90 17.71
C GLU A 214 -15.34 36.51 16.93
N GLN A 215 -14.10 36.27 17.39
CA GLN A 215 -12.93 36.78 16.68
C GLN A 215 -12.71 36.06 15.35
N ASN A 216 -13.04 34.78 15.30
CA ASN A 216 -12.97 34.06 14.04
C ASN A 216 -13.93 34.64 12.99
N LEU A 217 -15.17 34.91 13.41
CA LEU A 217 -16.13 35.58 12.53
C LEU A 217 -15.65 36.98 12.11
N GLU A 218 -15.02 37.69 13.03
CA GLU A 218 -14.55 39.04 12.73
C GLU A 218 -13.38 38.96 11.76
N ALA A 219 -12.56 37.94 11.91
CA ALA A 219 -11.44 37.75 10.98
C ALA A 219 -11.95 37.42 9.58
N MET A 220 -12.97 36.58 9.50
CA MET A 220 -13.60 36.25 8.23
C MET A 220 -14.14 37.52 7.57
N ARG A 221 -14.86 38.31 8.36
CA ARG A 221 -15.47 39.55 7.86
C ARG A 221 -14.46 40.58 7.32
N ASN A 222 -13.23 40.55 7.83
CA ASN A 222 -12.25 41.56 7.43
C ASN A 222 -11.05 40.97 6.72
N LEU A 223 -11.23 39.76 6.21
CA LEU A 223 -10.18 39.00 5.58
C LEU A 223 -9.43 39.77 4.49
N GLU A 224 -10.13 40.62 3.75
CA GLU A 224 -9.52 41.33 2.62
C GLU A 224 -8.37 42.23 3.05
N GLN A 225 -8.30 42.54 4.35
CA GLN A 225 -7.21 43.37 4.85
C GLN A 225 -5.85 42.68 4.71
N LEU A 226 -5.81 41.34 4.73
CA LEU A 226 -4.52 40.66 4.66
C LEU A 226 -3.84 40.95 3.32
N ASN A 227 -4.66 41.30 2.34
CA ASN A 227 -4.17 41.55 0.99
C ASN A 227 -3.17 42.68 0.88
N VAL A 228 -3.17 43.63 1.82
CA VAL A 228 -2.26 44.79 1.70
C VAL A 228 -0.81 44.39 1.91
N LEU A 229 -0.59 43.18 2.44
CA LEU A 229 0.78 42.73 2.68
C LEU A 229 1.47 42.31 1.39
N GLY A 230 0.68 42.04 0.35
CA GLY A 230 1.24 41.78 -0.96
C GLY A 230 1.62 40.31 -1.16
N TYR A 231 1.03 39.42 -0.37
CA TYR A 231 1.34 37.99 -0.54
C TYR A 231 0.08 37.19 -0.73
N PRO A 232 0.18 36.07 -1.47
CA PRO A 232 -0.95 35.15 -1.59
C PRO A 232 -1.46 34.70 -0.23
N VAL A 233 -2.76 34.48 -0.13
CA VAL A 233 -3.39 34.14 1.12
C VAL A 233 -4.05 32.77 0.97
N LEU A 234 -3.81 31.89 1.94
CA LEU A 234 -4.49 30.61 1.99
C LEU A 234 -5.49 30.65 3.12
N LEU A 235 -6.72 30.20 2.86
CA LEU A 235 -7.74 30.16 3.91
C LEU A 235 -7.96 28.71 4.34
N GLY A 236 -7.98 28.48 5.66
CA GLY A 236 -8.21 27.13 6.18
C GLY A 236 -9.26 27.16 7.28
N THR A 237 -10.51 26.95 6.91
CA THR A 237 -11.63 27.06 7.83
C THR A 237 -12.36 25.75 7.95
N SER A 238 -11.86 24.73 7.27
CA SER A 238 -12.65 23.52 7.07
C SER A 238 -13.09 22.80 8.35
N ARG A 239 -14.41 22.70 8.51
CA ARG A 239 -15.04 21.94 9.59
C ARG A 239 -14.76 22.49 10.97
N LYS A 240 -14.17 23.69 11.04
CA LYS A 240 -13.68 24.18 12.31
C LYS A 240 -14.78 24.47 13.33
N SER A 241 -14.38 24.60 14.59
CA SER A 241 -15.31 24.74 15.70
C SER A 241 -16.25 25.95 15.61
N PHE A 242 -15.76 27.07 15.08
CA PHE A 242 -16.58 28.29 15.09
C PHE A 242 -17.83 28.12 14.22
N ILE A 243 -17.69 27.32 13.16
CA ILE A 243 -18.82 26.96 12.33
C ILE A 243 -19.83 26.16 13.15
N GLY A 244 -19.33 25.26 13.98
CA GLY A 244 -20.18 24.54 14.91
C GLY A 244 -20.82 25.51 15.89
N HIS A 245 -20.07 26.54 16.29
CA HIS A 245 -20.59 27.51 17.26
C HIS A 245 -21.77 28.30 16.69
N VAL A 246 -21.69 28.62 15.40
CA VAL A 246 -22.76 29.35 14.71
C VAL A 246 -23.97 28.47 14.40
N LEU A 247 -23.73 27.31 13.77
CA LEU A 247 -24.83 26.46 13.32
C LEU A 247 -25.34 25.49 14.39
N ASP A 248 -24.57 25.36 15.48
CA ASP A 248 -24.79 24.30 16.47
C ASP A 248 -24.86 22.92 15.80
N LEU A 249 -23.85 22.60 15.01
CA LEU A 249 -23.80 21.33 14.28
C LEU A 249 -22.48 20.62 14.57
N PRO A 250 -22.50 19.28 14.65
CA PRO A 250 -21.24 18.58 14.87
C PRO A 250 -20.37 18.52 13.61
N VAL A 251 -19.12 18.10 13.78
CA VAL A 251 -18.09 18.18 12.73
C VAL A 251 -18.48 17.55 11.38
N GLU A 252 -19.29 16.50 11.43
CA GLU A 252 -19.74 15.80 10.22
C GLU A 252 -20.84 16.55 9.48
N GLU A 253 -21.45 17.53 10.14
CA GLU A 253 -22.56 18.28 9.55
C GLU A 253 -22.17 19.74 9.28
N ARG A 254 -20.96 19.96 8.78
CA ARG A 254 -20.44 21.31 8.62
C ARG A 254 -20.06 21.67 7.18
N LEU A 255 -20.52 20.86 6.23
CA LEU A 255 -20.28 21.12 4.81
C LEU A 255 -20.76 22.51 4.40
N GLU A 256 -22.02 22.80 4.72
CA GLU A 256 -22.64 24.06 4.35
C GLU A 256 -21.91 25.23 4.96
N GLY A 257 -21.55 25.10 6.24
CA GLY A 257 -20.82 26.14 6.95
C GLY A 257 -19.43 26.38 6.37
N THR A 258 -18.72 25.28 6.09
CA THR A 258 -17.40 25.37 5.48
C THR A 258 -17.53 26.12 4.15
N GLY A 259 -18.46 25.65 3.32
CA GLY A 259 -18.76 26.26 2.04
C GLY A 259 -18.92 27.77 2.11
N ALA A 260 -19.74 28.22 3.06
CA ALA A 260 -19.94 29.67 3.24
C ALA A 260 -18.63 30.37 3.51
N THR A 261 -17.77 29.76 4.32
CA THR A 261 -16.50 30.40 4.62
C THR A 261 -15.60 30.41 3.39
N VAL A 262 -15.66 29.36 2.61
CA VAL A 262 -14.88 29.27 1.39
C VAL A 262 -15.29 30.32 0.36
N CYS A 263 -16.59 30.47 0.15
CA CYS A 263 -17.09 31.45 -0.80
C CYS A 263 -16.73 32.86 -0.35
N LEU A 264 -16.89 33.15 0.93
CA LEU A 264 -16.59 34.50 1.42
C LEU A 264 -15.09 34.74 1.29
N GLY A 265 -14.30 33.72 1.56
CA GLY A 265 -12.85 33.82 1.44
C GLY A 265 -12.43 34.15 0.02
N ILE A 266 -13.04 33.47 -0.93
CA ILE A 266 -12.70 33.67 -2.33
C ILE A 266 -13.12 35.08 -2.76
N GLU A 267 -14.30 35.51 -2.33
CA GLU A 267 -14.77 36.86 -2.63
C GLU A 267 -13.82 37.93 -2.10
N LYS A 268 -13.15 37.62 -0.99
CA LYS A 268 -12.23 38.55 -0.37
C LYS A 268 -10.80 38.37 -0.87
N GLY A 269 -10.64 37.52 -1.88
CA GLY A 269 -9.39 37.49 -2.63
C GLY A 269 -8.36 36.43 -2.28
N CYS A 270 -8.76 35.40 -1.54
CA CYS A 270 -7.83 34.35 -1.14
CA CYS A 270 -7.80 34.38 -1.15
C CYS A 270 -7.42 33.50 -2.34
N GLU A 271 -6.16 33.07 -2.38
CA GLU A 271 -5.64 32.29 -3.49
C GLU A 271 -5.78 30.77 -3.27
N PHE A 272 -5.79 30.32 -2.02
CA PHE A 272 -5.92 28.90 -1.72
C PHE A 272 -7.03 28.69 -0.70
N VAL A 273 -7.66 27.52 -0.72
CA VAL A 273 -8.47 27.10 0.40
C VAL A 273 -8.05 25.68 0.80
N ARG A 274 -7.85 25.46 2.10
CA ARG A 274 -7.40 24.19 2.64
C ARG A 274 -8.63 23.48 3.22
N VAL A 275 -9.03 22.36 2.62
CA VAL A 275 -10.33 21.77 2.92
C VAL A 275 -10.32 20.25 3.03
N HIS A 276 -11.26 19.67 3.79
CA HIS A 276 -11.40 18.23 3.86
C HIS A 276 -12.27 17.73 2.72
N ASP A 277 -13.35 18.45 2.44
CA ASP A 277 -14.33 17.98 1.46
C ASP A 277 -14.01 18.53 0.07
N VAL A 278 -13.03 17.92 -0.59
CA VAL A 278 -12.52 18.44 -1.85
C VAL A 278 -13.58 18.50 -2.95
N LYS A 279 -14.32 17.40 -3.14
CA LYS A 279 -15.38 17.36 -4.15
C LYS A 279 -16.33 18.57 -4.06
N GLU A 280 -16.93 18.78 -2.89
CA GLU A 280 -17.90 19.87 -2.73
C GLU A 280 -17.24 21.24 -2.82
N MET A 281 -16.10 21.41 -2.16
CA MET A 281 -15.49 22.72 -2.09
C MET A 281 -14.87 23.12 -3.43
N SER A 282 -14.45 22.14 -4.23
CA SER A 282 -13.93 22.48 -5.55
C SER A 282 -15.02 23.02 -6.46
N ARG A 283 -16.18 22.37 -6.45
CA ARG A 283 -17.35 22.85 -7.19
C ARG A 283 -17.72 24.27 -6.78
N MET A 284 -17.73 24.51 -5.47
CA MET A 284 -18.11 25.81 -4.94
C MET A 284 -17.07 26.87 -5.29
N ALA A 285 -15.80 26.49 -5.19
CA ALA A 285 -14.72 27.40 -5.57
C ALA A 285 -14.83 27.75 -7.05
N LYS A 286 -15.01 26.72 -7.88
CA LYS A 286 -15.11 26.92 -9.32
C LYS A 286 -16.25 27.87 -9.69
N MET A 287 -17.39 27.75 -9.03
CA MET A 287 -18.51 28.64 -9.29
C MET A 287 -18.21 30.07 -8.84
N MET A 288 -17.56 30.20 -7.68
CA MET A 288 -17.21 31.52 -7.17
C MET A 288 -16.26 32.20 -8.14
N ASP A 289 -15.23 31.46 -8.54
CA ASP A 289 -14.23 31.94 -9.50
C ASP A 289 -14.93 32.53 -10.73
N ALA A 290 -15.85 31.77 -11.30
CA ALA A 290 -16.57 32.20 -12.49
C ALA A 290 -17.34 33.51 -12.29
N MET A 291 -17.90 33.67 -11.09
CA MET A 291 -18.72 34.86 -10.84
C MET A 291 -17.88 36.09 -10.59
N ILE A 292 -16.77 35.93 -9.89
CA ILE A 292 -15.98 37.11 -9.54
C ILE A 292 -15.01 37.51 -10.67
N GLY A 293 -14.97 36.70 -11.73
CA GLY A 293 -14.16 37.02 -12.89
C GLY A 293 -12.74 36.50 -12.78
N LYS A 294 -12.55 35.45 -12.01
CA LYS A 294 -11.23 34.87 -11.80
C LYS A 294 -10.89 33.93 -12.97
N LYS B 22 -13.87 -36.90 -14.85
CA LYS B 22 -12.78 -37.76 -14.37
C LYS B 22 -12.51 -37.51 -12.87
N TRP B 23 -12.52 -36.25 -12.45
CA TRP B 23 -12.61 -35.91 -11.03
C TRP B 23 -14.09 -35.69 -10.70
N ASP B 24 -14.59 -36.39 -9.68
CA ASP B 24 -16.00 -36.25 -9.32
C ASP B 24 -16.26 -35.26 -8.17
N TYR B 25 -15.27 -34.42 -7.89
CA TYR B 25 -15.45 -33.32 -6.94
C TYR B 25 -14.71 -32.08 -7.40
N ASP B 26 -15.19 -30.91 -6.99
CA ASP B 26 -14.45 -29.67 -7.17
C ASP B 26 -13.57 -29.44 -5.95
N LEU B 27 -12.48 -28.71 -6.12
CA LEU B 27 -11.65 -28.34 -4.98
C LEU B 27 -12.27 -27.12 -4.30
N ARG B 28 -12.72 -27.31 -3.06
CA ARG B 28 -13.41 -26.24 -2.34
C ARG B 28 -12.45 -25.34 -1.55
N CYS B 29 -12.46 -24.04 -1.89
CA CYS B 29 -11.54 -23.09 -1.29
C CYS B 29 -12.27 -21.89 -0.69
N GLY B 30 -13.12 -22.15 0.29
CA GLY B 30 -13.90 -21.09 0.90
C GLY B 30 -14.86 -20.48 -0.10
N GLU B 31 -14.65 -19.20 -0.41
CA GLU B 31 -15.54 -18.52 -1.35
C GLU B 31 -15.14 -18.79 -2.79
N TYR B 32 -14.02 -19.48 -2.98
CA TYR B 32 -13.61 -19.89 -4.32
C TYR B 32 -13.78 -21.40 -4.50
N THR B 33 -14.15 -21.80 -5.70
CA THR B 33 -14.27 -23.21 -6.02
C THR B 33 -13.45 -23.46 -7.27
N LEU B 34 -12.54 -24.44 -7.21
CA LEU B 34 -11.67 -24.71 -8.34
C LEU B 34 -12.06 -26.03 -9.01
N ASN B 35 -12.37 -25.95 -10.30
CA ASN B 35 -12.73 -27.15 -11.04
C ASN B 35 -11.49 -27.92 -11.50
N LEU B 36 -11.45 -29.21 -11.25
CA LEU B 36 -10.27 -29.99 -11.56
C LEU B 36 -10.30 -30.59 -12.97
N ASN B 37 -11.43 -30.44 -13.66
CA ASN B 37 -11.61 -31.11 -14.95
C ASN B 37 -11.49 -30.17 -16.16
N GLU B 38 -11.94 -28.93 -15.99
CA GLU B 38 -11.99 -27.95 -17.08
C GLU B 38 -10.63 -27.69 -17.72
N LYS B 39 -9.61 -27.46 -16.90
CA LYS B 39 -8.31 -27.03 -17.40
C LYS B 39 -7.26 -27.17 -16.33
N THR B 40 -6.00 -27.16 -16.76
CA THR B 40 -4.89 -27.15 -15.84
C THR B 40 -4.93 -25.84 -15.06
N LEU B 41 -4.69 -25.93 -13.75
CA LEU B 41 -4.78 -24.76 -12.89
C LEU B 41 -3.40 -24.16 -12.68
N ILE B 42 -3.31 -22.85 -12.87
CA ILE B 42 -2.03 -22.15 -12.78
C ILE B 42 -1.86 -21.52 -11.40
N MET B 43 -0.87 -21.99 -10.64
CA MET B 43 -0.52 -21.38 -9.36
C MET B 43 0.63 -20.40 -9.54
N GLY B 44 0.36 -19.11 -9.39
CA GLY B 44 1.39 -18.10 -9.53
C GLY B 44 2.22 -17.95 -8.27
N ILE B 45 3.54 -17.92 -8.43
CA ILE B 45 4.46 -17.79 -7.32
C ILE B 45 4.69 -16.31 -7.02
N LEU B 46 4.25 -15.85 -5.86
CA LEU B 46 4.44 -14.44 -5.53
C LEU B 46 5.89 -14.10 -5.19
N ASN B 47 6.38 -13.02 -5.82
CA ASN B 47 7.68 -12.43 -5.51
C ASN B 47 7.64 -11.86 -4.09
N VAL B 48 8.41 -12.48 -3.19
CA VAL B 48 8.32 -12.17 -1.76
C VAL B 48 9.06 -10.88 -1.30
N THR B 49 10.37 -10.79 -1.61
CA THR B 49 11.18 -9.57 -1.41
C THR B 49 11.06 -8.79 -0.08
N PRO B 50 12.12 -8.85 0.75
CA PRO B 50 12.22 -8.10 2.01
C PRO B 50 12.40 -6.60 1.79
N SER B 54 13.37 -3.44 7.90
CA SER B 54 12.06 -3.77 8.44
C SER B 54 11.92 -5.27 8.73
N ASP B 55 11.05 -5.61 9.68
CA ASP B 55 10.73 -7.00 9.97
C ASP B 55 9.47 -7.47 9.27
N GLY B 56 8.90 -6.60 8.43
CA GLY B 56 7.74 -6.95 7.64
C GLY B 56 6.57 -6.00 7.78
N GLY B 57 5.61 -6.11 6.86
CA GLY B 57 4.41 -5.30 6.92
C GLY B 57 4.54 -3.91 6.32
N SER B 58 5.76 -3.51 5.95
CA SER B 58 6.02 -2.17 5.42
C SER B 58 5.25 -1.92 4.13
N TYR B 59 4.99 -0.65 3.81
CA TYR B 59 4.24 -0.32 2.60
C TYR B 59 4.87 -0.82 1.31
N ASN B 60 6.18 -0.60 1.16
CA ASN B 60 6.83 -0.93 -0.11
C ASN B 60 6.91 -2.42 -0.36
N GLU B 61 7.19 -3.16 0.70
CA GLU B 61 7.23 -4.62 0.62
C GLU B 61 5.84 -5.13 0.23
N VAL B 62 4.83 -4.69 0.96
CA VAL B 62 3.49 -5.23 0.73
C VAL B 62 2.86 -4.72 -0.56
N ASP B 63 3.08 -3.45 -0.90
CA ASP B 63 2.56 -2.90 -2.15
C ASP B 63 3.12 -3.66 -3.35
N ALA B 64 4.41 -3.95 -3.33
CA ALA B 64 5.03 -4.78 -4.37
C ALA B 64 4.30 -6.10 -4.51
N ALA B 65 4.01 -6.74 -3.39
CA ALA B 65 3.36 -8.04 -3.42
C ALA B 65 1.97 -7.94 -4.05
N VAL B 66 1.21 -6.94 -3.63
CA VAL B 66 -0.12 -6.73 -4.15
C VAL B 66 -0.10 -6.50 -5.65
N ARG B 67 0.83 -5.65 -6.09
CA ARG B 67 0.98 -5.37 -7.51
C ARG B 67 1.34 -6.64 -8.31
N HIS B 68 2.26 -7.44 -7.79
CA HIS B 68 2.67 -8.65 -8.49
C HIS B 68 1.50 -9.62 -8.56
N ALA B 69 0.70 -9.66 -7.50
CA ALA B 69 -0.45 -10.57 -7.48
C ALA B 69 -1.49 -10.16 -8.52
N LYS B 70 -1.81 -8.87 -8.57
CA LYS B 70 -2.77 -8.38 -9.55
C LYS B 70 -2.33 -8.72 -10.98
N GLU B 71 -1.02 -8.60 -11.21
CA GLU B 71 -0.41 -8.86 -12.50
C GLU B 71 -0.55 -10.34 -12.87
N MET B 72 -0.21 -11.22 -11.92
CA MET B 72 -0.32 -12.65 -12.19
C MET B 72 -1.78 -13.01 -12.40
N ARG B 73 -2.66 -12.30 -11.70
CA ARG B 73 -4.09 -12.53 -11.88
C ARG B 73 -4.51 -12.18 -13.30
N ASP B 74 -4.06 -11.01 -13.75
CA ASP B 74 -4.36 -10.54 -15.10
C ASP B 74 -3.71 -11.42 -16.19
N GLU B 75 -2.69 -12.20 -15.83
CA GLU B 75 -2.01 -13.05 -16.80
C GLU B 75 -2.54 -14.48 -16.81
N GLY B 76 -3.50 -14.76 -15.92
CA GLY B 76 -4.18 -16.05 -15.94
C GLY B 76 -3.92 -16.99 -14.77
N ALA B 77 -3.43 -16.47 -13.65
CA ALA B 77 -3.22 -17.31 -12.48
C ALA B 77 -4.57 -17.64 -11.84
N HIS B 78 -4.69 -18.86 -11.31
CA HIS B 78 -5.93 -19.27 -10.63
C HIS B 78 -5.73 -19.30 -9.12
N ILE B 79 -4.46 -19.28 -8.71
CA ILE B 79 -4.09 -19.39 -7.32
C ILE B 79 -2.85 -18.51 -7.11
N ILE B 80 -2.80 -17.76 -6.01
CA ILE B 80 -1.57 -17.02 -5.68
C ILE B 80 -0.84 -17.71 -4.53
N ASP B 81 0.39 -18.16 -4.76
CA ASP B 81 1.18 -18.84 -3.75
C ASP B 81 2.08 -17.82 -3.07
N ILE B 82 1.90 -17.66 -1.76
CA ILE B 82 2.69 -16.71 -0.98
C ILE B 82 3.53 -17.46 0.06
N GLY B 83 4.84 -17.25 0.06
CA GLY B 83 5.70 -17.92 1.01
C GLY B 83 7.09 -17.36 1.07
N GLY B 84 7.51 -16.91 2.26
CA GLY B 84 8.83 -16.35 2.46
C GLY B 84 9.87 -17.31 3.04
N GLU B 85 10.36 -18.22 2.22
CA GLU B 85 11.49 -19.10 2.57
C GLU B 85 12.06 -19.93 1.41
N SER B 86 13.37 -19.82 1.20
CA SER B 86 14.08 -20.63 0.22
C SER B 86 15.36 -21.23 0.79
N VAL B 94 14.78 -18.34 10.14
CA VAL B 94 13.68 -17.51 10.58
C VAL B 94 12.78 -18.22 11.53
N SER B 95 12.60 -17.59 12.68
CA SER B 95 11.67 -18.12 13.65
C SER B 95 10.22 -17.96 13.12
N VAL B 96 9.26 -18.61 13.77
CA VAL B 96 7.85 -18.57 13.40
C VAL B 96 7.31 -17.14 13.51
N GLU B 97 7.64 -16.46 14.61
CA GLU B 97 7.12 -15.12 14.87
C GLU B 97 7.43 -14.10 13.75
N GLU B 98 8.67 -14.04 13.27
CA GLU B 98 9.02 -13.11 12.17
C GLU B 98 8.50 -13.57 10.80
N GLU B 99 8.40 -14.87 10.61
CA GLU B 99 7.90 -15.36 9.33
C GLU B 99 6.41 -15.00 9.25
N ILE B 100 5.76 -14.94 10.40
CA ILE B 100 4.37 -14.54 10.48
C ILE B 100 4.26 -13.03 10.23
N LYS B 101 5.13 -12.26 10.87
CA LYS B 101 5.18 -10.80 10.69
C LYS B 101 5.41 -10.39 9.25
N ARG B 102 6.03 -11.26 8.47
CA ARG B 102 6.34 -10.94 7.09
C ARG B 102 5.18 -11.36 6.20
N VAL B 103 4.62 -12.54 6.49
CA VAL B 103 3.66 -13.16 5.57
C VAL B 103 2.19 -12.79 5.84
N VAL B 104 1.86 -12.52 7.10
CA VAL B 104 0.48 -12.15 7.44
C VAL B 104 0.03 -10.81 6.80
N PRO B 105 0.88 -9.76 6.87
CA PRO B 105 0.51 -8.53 6.14
C PRO B 105 0.24 -8.76 4.65
N MET B 106 0.98 -9.66 4.02
CA MET B 106 0.83 -9.91 2.60
C MET B 106 -0.44 -10.68 2.23
N ILE B 107 -0.71 -11.76 2.95
CA ILE B 107 -1.93 -12.53 2.73
C ILE B 107 -3.16 -11.65 2.96
N GLN B 108 -3.05 -10.76 3.94
CA GLN B 108 -4.14 -9.86 4.30
C GLN B 108 -4.43 -8.87 3.19
N ALA B 109 -3.39 -8.19 2.70
CA ALA B 109 -3.55 -7.29 1.58
C ALA B 109 -3.97 -8.03 0.30
N VAL B 110 -3.27 -9.11 -0.04
CA VAL B 110 -3.58 -9.83 -1.27
C VAL B 110 -5.01 -10.41 -1.27
N SER B 111 -5.42 -11.00 -0.15
CA SER B 111 -6.80 -11.51 0.01
C SER B 111 -7.84 -10.48 -0.34
N LYS B 112 -7.63 -9.27 0.17
CA LYS B 112 -8.56 -8.15 0.01
C LYS B 112 -8.53 -7.57 -1.40
N GLU B 113 -7.34 -7.47 -1.97
CA GLU B 113 -7.20 -6.69 -3.20
C GLU B 113 -7.22 -7.57 -4.45
N VAL B 114 -7.11 -8.88 -4.25
CA VAL B 114 -7.12 -9.82 -5.38
C VAL B 114 -8.04 -11.03 -5.15
N LYS B 115 -9.03 -11.19 -6.03
CA LYS B 115 -10.03 -12.24 -5.86
C LYS B 115 -9.57 -13.57 -6.46
N LEU B 116 -8.60 -14.20 -5.80
CA LEU B 116 -8.20 -15.57 -6.14
C LEU B 116 -7.90 -16.29 -4.83
N PRO B 117 -8.00 -17.62 -4.81
CA PRO B 117 -7.55 -18.34 -3.62
C PRO B 117 -6.05 -18.14 -3.42
N ILE B 118 -5.63 -18.04 -2.17
CA ILE B 118 -4.22 -17.87 -1.83
C ILE B 118 -3.75 -19.12 -1.13
N SER B 119 -2.58 -19.63 -1.50
CA SER B 119 -1.98 -20.72 -0.75
C SER B 119 -0.79 -20.18 0.04
N ILE B 120 -0.64 -20.65 1.26
CA ILE B 120 0.49 -20.24 2.10
C ILE B 120 1.58 -21.29 1.95
N ASP B 121 2.73 -20.88 1.45
CA ASP B 121 3.86 -21.78 1.26
C ASP B 121 4.64 -21.90 2.58
N THR B 122 4.34 -22.95 3.35
CA THR B 122 4.99 -23.14 4.65
C THR B 122 4.94 -24.60 5.08
N TYR B 123 5.88 -24.98 5.93
CA TYR B 123 5.88 -26.33 6.51
C TYR B 123 5.67 -26.21 8.01
N LYS B 124 5.36 -25.01 8.47
CA LYS B 124 5.16 -24.77 9.89
C LYS B 124 3.68 -24.64 10.24
N ALA B 125 3.28 -25.36 11.28
CA ALA B 125 1.89 -25.36 11.75
C ALA B 125 1.40 -23.96 12.12
N GLU B 126 2.14 -23.29 12.98
CA GLU B 126 1.70 -21.98 13.48
C GLU B 126 1.58 -20.93 12.36
N VAL B 127 2.46 -21.01 11.38
CA VAL B 127 2.40 -20.14 10.21
C VAL B 127 1.16 -20.43 9.38
N ALA B 128 0.92 -21.71 9.11
CA ALA B 128 -0.27 -22.11 8.35
C ALA B 128 -1.52 -21.53 8.99
N LYS B 129 -1.62 -21.68 10.30
CA LYS B 129 -2.81 -21.24 11.02
C LYS B 129 -3.03 -19.73 10.94
N GLN B 130 -2.02 -18.94 11.28
CA GLN B 130 -2.13 -17.48 11.20
C GLN B 130 -2.43 -17.05 9.77
N ALA B 131 -1.77 -17.71 8.83
CA ALA B 131 -1.95 -17.37 7.42
C ALA B 131 -3.39 -17.56 7.00
N ILE B 132 -3.98 -18.65 7.46
CA ILE B 132 -5.36 -18.98 7.13
C ILE B 132 -6.31 -17.98 7.75
N GLU B 133 -6.09 -17.62 9.02
CA GLU B 133 -6.90 -16.60 9.68
C GLU B 133 -6.72 -15.25 9.00
N ALA B 134 -5.57 -15.06 8.35
CA ALA B 134 -5.30 -13.83 7.62
C ALA B 134 -5.99 -13.87 6.27
N GLY B 135 -6.42 -15.05 5.85
CA GLY B 135 -7.23 -15.17 4.65
C GLY B 135 -6.75 -16.17 3.61
N ALA B 136 -5.65 -16.86 3.89
CA ALA B 136 -5.18 -17.88 2.96
C ALA B 136 -6.18 -19.04 2.89
N HIS B 137 -6.21 -19.73 1.75
CA HIS B 137 -7.22 -20.79 1.51
C HIS B 137 -6.63 -22.19 1.37
N ILE B 138 -5.32 -22.25 1.08
CA ILE B 138 -4.67 -23.53 0.79
C ILE B 138 -3.32 -23.58 1.52
N ILE B 139 -2.95 -24.74 2.04
CA ILE B 139 -1.63 -24.91 2.65
C ILE B 139 -0.72 -25.65 1.67
N ASN B 140 0.45 -25.09 1.40
CA ASN B 140 1.41 -25.68 0.48
C ASN B 140 2.66 -26.10 1.25
N ASP B 141 2.79 -27.38 1.58
CA ASP B 141 3.85 -27.86 2.47
C ASP B 141 4.96 -28.62 1.73
N ILE B 142 6.15 -28.03 1.66
CA ILE B 142 7.31 -28.68 1.04
C ILE B 142 7.84 -29.90 1.80
N TRP B 143 7.34 -30.13 3.02
CA TRP B 143 7.75 -31.30 3.78
C TRP B 143 6.64 -32.34 3.98
N GLY B 144 5.49 -32.11 3.35
CA GLY B 144 4.40 -33.09 3.36
C GLY B 144 4.01 -33.52 4.77
N ALA B 145 3.84 -32.53 5.63
CA ALA B 145 3.44 -32.74 7.03
C ALA B 145 4.43 -33.58 7.82
N LYS B 146 5.64 -33.76 7.29
CA LYS B 146 6.64 -34.54 8.02
C LYS B 146 7.54 -33.71 8.95
N ALA B 147 7.69 -32.42 8.68
CA ALA B 147 8.49 -31.57 9.56
C ALA B 147 7.67 -31.19 10.79
N GLU B 148 6.45 -30.74 10.56
CA GLU B 148 5.54 -30.36 11.63
C GLU B 148 4.17 -31.01 11.41
N PRO B 149 4.04 -32.27 11.85
CA PRO B 149 2.82 -33.08 11.65
C PRO B 149 1.57 -32.33 12.07
N LYS B 150 1.71 -31.47 13.07
CA LYS B 150 0.59 -30.67 13.54
C LYS B 150 0.00 -29.76 12.47
N ILE B 151 0.70 -29.59 11.35
CA ILE B 151 0.19 -28.77 10.26
C ILE B 151 -1.03 -29.45 9.64
N ALA B 152 -1.04 -30.78 9.69
CA ALA B 152 -2.16 -31.56 9.18
C ALA B 152 -3.44 -31.31 9.99
N GLU B 153 -3.29 -31.17 11.30
CA GLU B 153 -4.44 -30.86 12.16
C GLU B 153 -4.97 -29.47 11.89
N VAL B 154 -4.06 -28.55 11.54
CA VAL B 154 -4.45 -27.18 11.22
C VAL B 154 -5.32 -27.21 9.98
N ALA B 155 -4.82 -27.90 8.96
CA ALA B 155 -5.57 -28.10 7.72
C ALA B 155 -6.89 -28.81 7.97
N ALA B 156 -6.89 -29.80 8.85
CA ALA B 156 -8.11 -30.53 9.16
C ALA B 156 -9.15 -29.60 9.79
N HIS B 157 -8.72 -28.82 10.78
CA HIS B 157 -9.61 -27.90 11.47
C HIS B 157 -10.24 -26.82 10.58
N TYR B 158 -9.45 -26.26 9.67
CA TYR B 158 -9.96 -25.17 8.83
C TYR B 158 -10.56 -25.70 7.54
N ASP B 159 -10.41 -27.02 7.36
CA ASP B 159 -11.00 -27.74 6.23
C ASP B 159 -10.48 -27.23 4.90
N VAL B 160 -9.19 -26.90 4.87
CA VAL B 160 -8.55 -26.36 3.68
C VAL B 160 -7.78 -27.43 2.91
N PRO B 161 -7.68 -27.27 1.59
CA PRO B 161 -6.84 -28.22 0.84
C PRO B 161 -5.39 -28.06 1.28
N ILE B 162 -4.67 -29.18 1.36
CA ILE B 162 -3.24 -29.15 1.68
C ILE B 162 -2.44 -29.86 0.60
N ILE B 163 -1.36 -29.22 0.16
CA ILE B 163 -0.49 -29.83 -0.85
C ILE B 163 0.68 -30.49 -0.13
N LEU B 164 0.79 -31.80 -0.27
CA LEU B 164 1.84 -32.56 0.39
C LEU B 164 2.94 -32.84 -0.64
N MET B 165 4.08 -32.17 -0.49
CA MET B 165 5.17 -32.34 -1.45
C MET B 165 6.11 -33.47 -1.06
N HIS B 166 6.62 -34.21 -2.04
CA HIS B 166 7.63 -35.19 -1.73
C HIS B 166 8.93 -34.52 -1.33
N ASN B 167 9.52 -34.95 -0.22
CA ASN B 167 10.80 -34.43 0.24
C ASN B 167 11.43 -35.49 1.14
N ARG B 168 12.75 -35.39 1.35
CA ARG B 168 13.48 -36.27 2.27
C ARG B 168 14.88 -35.69 2.47
N ASP B 169 15.65 -36.26 3.39
CA ASP B 169 16.94 -35.67 3.77
C ASP B 169 18.13 -36.24 3.01
N ASN B 170 17.84 -37.06 2.00
CA ASN B 170 18.89 -37.71 1.24
C ASN B 170 18.47 -37.94 -0.21
N MET B 171 19.42 -38.32 -1.06
CA MET B 171 19.13 -38.64 -2.46
C MET B 171 19.41 -40.12 -2.71
N ASN B 172 19.12 -40.93 -1.69
CA ASN B 172 19.42 -42.35 -1.76
C ASN B 172 18.17 -43.21 -1.95
N TYR B 173 17.91 -43.53 -3.22
CA TYR B 173 16.71 -44.25 -3.60
C TYR B 173 17.01 -45.68 -4.08
N ARG B 174 16.16 -46.62 -3.68
CA ARG B 174 16.21 -48.01 -4.15
C ARG B 174 15.58 -48.06 -5.54
N ASN B 175 14.45 -47.37 -5.66
CA ASN B 175 13.68 -47.28 -6.89
C ASN B 175 13.02 -45.91 -6.81
N LEU B 176 13.50 -44.95 -7.60
CA LEU B 176 13.13 -43.55 -7.41
C LEU B 176 11.63 -43.36 -7.24
N MET B 177 10.88 -43.72 -8.28
CA MET B 177 9.44 -43.47 -8.29
C MET B 177 8.66 -44.29 -7.25
N ALA B 178 9.07 -45.53 -7.04
CA ALA B 178 8.45 -46.35 -6.02
C ALA B 178 8.70 -45.73 -4.65
N ASP B 179 9.91 -45.25 -4.44
CA ASP B 179 10.26 -44.64 -3.16
C ASP B 179 9.50 -43.33 -2.93
N MET B 180 9.29 -42.55 -4.00
CA MET B 180 8.54 -41.29 -3.89
C MET B 180 7.09 -41.57 -3.52
N ILE B 181 6.49 -42.56 -4.17
CA ILE B 181 5.12 -42.95 -3.86
C ILE B 181 4.99 -43.42 -2.41
N ALA B 182 5.91 -44.27 -1.98
CA ALA B 182 5.97 -44.70 -0.59
C ALA B 182 6.10 -43.50 0.38
N ASP B 183 7.02 -42.60 0.09
CA ASP B 183 7.17 -41.38 0.89
C ASP B 183 5.90 -40.52 0.89
N LEU B 184 5.26 -40.43 -0.28
CA LEU B 184 4.05 -39.61 -0.40
C LEU B 184 2.90 -40.23 0.39
N TYR B 185 2.84 -41.55 0.42
CA TYR B 185 1.83 -42.25 1.20
CA TYR B 185 1.78 -42.18 1.19
C TYR B 185 1.99 -41.98 2.68
N ASP B 186 3.23 -41.94 3.13
CA ASP B 186 3.51 -41.67 4.54
C ASP B 186 2.99 -40.28 4.89
N SER B 187 3.11 -39.37 3.93
CA SER B 187 2.54 -38.02 4.10
C SER B 187 1.02 -38.08 4.15
N ILE B 188 0.43 -38.82 3.20
CA ILE B 188 -1.01 -38.98 3.14
C ILE B 188 -1.56 -39.55 4.45
N LYS B 189 -0.86 -40.53 5.02
CA LYS B 189 -1.29 -41.17 6.25
C LYS B 189 -1.33 -40.16 7.40
N ILE B 190 -0.30 -39.34 7.49
CA ILE B 190 -0.23 -38.32 8.52
C ILE B 190 -1.42 -37.35 8.38
N ALA B 191 -1.68 -36.92 7.15
CA ALA B 191 -2.80 -36.03 6.86
C ALA B 191 -4.15 -36.62 7.29
N LYS B 192 -4.45 -37.82 6.81
CA LYS B 192 -5.74 -38.44 7.11
C LYS B 192 -5.89 -38.81 8.59
N ASP B 193 -4.79 -39.25 9.22
CA ASP B 193 -4.83 -39.55 10.66
C ASP B 193 -5.19 -38.32 11.48
N ALA B 194 -4.93 -37.14 10.92
CA ALA B 194 -5.27 -35.89 11.59
C ALA B 194 -6.70 -35.46 11.26
N GLY B 195 -7.27 -36.06 10.21
CA GLY B 195 -8.65 -35.76 9.83
C GLY B 195 -8.80 -35.05 8.50
N VAL B 196 -7.71 -34.91 7.75
CA VAL B 196 -7.80 -34.30 6.43
C VAL B 196 -8.59 -35.23 5.52
N ARG B 197 -9.62 -34.70 4.87
CA ARG B 197 -10.45 -35.47 3.93
C ARG B 197 -9.69 -35.68 2.62
N ASP B 198 -9.92 -36.83 1.99
CA ASP B 198 -9.30 -37.13 0.69
C ASP B 198 -9.43 -35.99 -0.30
N GLU B 199 -10.59 -35.33 -0.31
CA GLU B 199 -10.83 -34.24 -1.23
C GLU B 199 -9.96 -33.00 -0.99
N ASN B 200 -9.39 -32.89 0.21
CA ASN B 200 -8.50 -31.76 0.53
C ASN B 200 -7.02 -32.10 0.39
N ILE B 201 -6.74 -33.25 -0.21
CA ILE B 201 -5.36 -33.69 -0.39
C ILE B 201 -4.88 -33.51 -1.83
N ILE B 202 -3.76 -32.82 -2.00
CA ILE B 202 -3.09 -32.68 -3.29
C ILE B 202 -1.64 -33.12 -3.14
N LEU B 203 -1.07 -33.74 -4.17
CA LEU B 203 0.28 -34.28 -4.08
C LEU B 203 1.23 -33.52 -5.01
N ASP B 204 2.50 -33.48 -4.64
CA ASP B 204 3.51 -32.76 -5.41
C ASP B 204 4.75 -33.65 -5.40
N PRO B 205 5.27 -33.98 -6.61
CA PRO B 205 6.42 -34.88 -6.76
C PRO B 205 7.71 -34.29 -6.21
N GLY B 206 7.69 -33.00 -5.88
CA GLY B 206 8.85 -32.35 -5.28
C GLY B 206 10.07 -32.35 -6.18
N ILE B 207 9.84 -32.13 -7.47
CA ILE B 207 10.94 -31.96 -8.42
C ILE B 207 11.82 -30.80 -7.97
N GLY B 208 13.14 -30.99 -8.01
CA GLY B 208 14.05 -29.97 -7.55
C GLY B 208 14.39 -30.08 -6.07
N PHE B 209 13.76 -31.05 -5.39
CA PHE B 209 14.05 -31.26 -3.98
C PHE B 209 14.55 -32.68 -3.72
N ALA B 210 15.66 -32.77 -2.99
CA ALA B 210 16.24 -34.07 -2.60
C ALA B 210 16.46 -35.00 -3.78
N LYS B 211 16.80 -34.42 -4.94
CA LYS B 211 17.03 -35.20 -6.15
C LYS B 211 18.22 -34.67 -6.95
N THR B 212 19.05 -35.59 -7.44
CA THR B 212 20.11 -35.27 -8.40
C THR B 212 19.43 -34.75 -9.66
N PRO B 213 20.18 -34.05 -10.53
CA PRO B 213 19.57 -33.60 -11.78
C PRO B 213 18.97 -34.78 -12.55
N GLU B 214 19.69 -35.87 -12.63
CA GLU B 214 19.20 -37.03 -13.37
CA GLU B 214 19.22 -37.06 -13.35
C GLU B 214 17.98 -37.67 -12.70
N GLN B 215 17.88 -37.56 -11.39
CA GLN B 215 16.68 -38.09 -10.70
C GLN B 215 15.49 -37.20 -10.98
N ASN B 216 15.73 -35.90 -11.11
CA ASN B 216 14.67 -34.97 -11.51
C ASN B 216 14.13 -35.31 -12.91
N LEU B 217 15.03 -35.57 -13.85
CA LEU B 217 14.63 -36.01 -15.19
C LEU B 217 13.86 -37.33 -15.14
N GLU B 218 14.27 -38.21 -14.25
CA GLU B 218 13.65 -39.53 -14.16
C GLU B 218 12.24 -39.39 -13.61
N ALA B 219 12.08 -38.54 -12.60
CA ALA B 219 10.78 -38.27 -12.02
C ALA B 219 9.83 -37.66 -13.05
N MET B 220 10.30 -36.63 -13.75
CA MET B 220 9.56 -36.05 -14.87
C MET B 220 9.09 -37.11 -15.86
N ARG B 221 10.01 -37.99 -16.25
CA ARG B 221 9.75 -39.06 -17.20
C ARG B 221 8.67 -40.04 -16.73
N ASN B 222 8.53 -40.18 -15.42
CA ASN B 222 7.60 -41.17 -14.87
C ASN B 222 6.49 -40.57 -14.01
N LEU B 223 6.26 -39.27 -14.15
CA LEU B 223 5.25 -38.54 -13.39
C LEU B 223 3.88 -39.23 -13.36
N GLU B 224 3.52 -39.90 -14.46
CA GLU B 224 2.18 -40.45 -14.58
C GLU B 224 1.91 -41.55 -13.53
N GLN B 225 2.98 -42.09 -12.95
CA GLN B 225 2.81 -43.12 -11.93
C GLN B 225 2.14 -42.57 -10.67
N LEU B 226 2.32 -41.27 -10.40
CA LEU B 226 1.72 -40.68 -9.21
C LEU B 226 0.20 -40.73 -9.27
N ASN B 227 -0.34 -40.79 -10.48
CA ASN B 227 -1.79 -40.80 -10.68
C ASN B 227 -2.48 -41.96 -9.98
N VAL B 228 -1.79 -43.09 -9.83
CA VAL B 228 -2.42 -44.27 -9.25
C VAL B 228 -2.80 -44.07 -7.79
N LEU B 229 -2.25 -43.05 -7.16
CA LEU B 229 -2.60 -42.80 -5.76
C LEU B 229 -4.01 -42.22 -5.62
N GLY B 230 -4.52 -41.63 -6.70
CA GLY B 230 -5.92 -41.20 -6.72
C GLY B 230 -6.11 -39.77 -6.25
N TYR B 231 -5.04 -38.99 -6.24
CA TYR B 231 -5.13 -37.61 -5.79
C TYR B 231 -4.67 -36.66 -6.87
N PRO B 232 -5.22 -35.43 -6.88
CA PRO B 232 -4.72 -34.41 -7.80
C PRO B 232 -3.24 -34.17 -7.57
N VAL B 233 -2.52 -33.89 -8.66
CA VAL B 233 -1.06 -33.69 -8.62
C VAL B 233 -0.72 -32.29 -9.09
N LEU B 234 0.08 -31.59 -8.29
CA LEU B 234 0.57 -30.27 -8.65
C LEU B 234 2.03 -30.42 -9.04
N LEU B 235 2.43 -29.84 -10.17
CA LEU B 235 3.84 -29.88 -10.58
C LEU B 235 4.49 -28.51 -10.42
N GLY B 236 5.63 -28.48 -9.74
CA GLY B 236 6.35 -27.24 -9.47
C GLY B 236 7.80 -27.39 -9.89
N THR B 237 8.09 -26.98 -11.13
CA THR B 237 9.43 -27.15 -11.73
C THR B 237 10.03 -25.82 -12.11
N SER B 238 9.28 -24.75 -11.88
CA SER B 238 9.61 -23.44 -12.45
C SER B 238 11.02 -22.94 -12.14
N ARG B 239 11.79 -22.73 -13.20
CA ARG B 239 13.14 -22.14 -13.14
C ARG B 239 14.16 -22.93 -12.31
N LYS B 240 13.83 -24.18 -12.00
CA LYS B 240 14.67 -24.93 -11.07
C LYS B 240 16.03 -25.33 -11.63
N SER B 241 16.95 -25.67 -10.73
CA SER B 241 18.33 -25.98 -11.07
C SER B 241 18.52 -27.00 -12.20
N PHE B 242 17.73 -28.07 -12.21
CA PHE B 242 17.97 -29.13 -13.18
C PHE B 242 17.75 -28.68 -14.62
N ILE B 243 16.82 -27.75 -14.81
CA ILE B 243 16.63 -27.12 -16.11
C ILE B 243 17.91 -26.38 -16.51
N GLY B 244 18.50 -25.67 -15.56
CA GLY B 244 19.79 -25.01 -15.80
C GLY B 244 20.88 -26.03 -16.09
N HIS B 245 20.77 -27.20 -15.46
CA HIS B 245 21.75 -28.26 -15.63
C HIS B 245 21.71 -28.79 -17.07
N VAL B 246 20.50 -28.98 -17.58
CA VAL B 246 20.31 -29.50 -18.93
C VAL B 246 20.69 -28.47 -20.01
N LEU B 247 20.23 -27.24 -19.82
CA LEU B 247 20.40 -26.21 -20.84
C LEU B 247 21.65 -25.36 -20.67
N ASP B 248 22.34 -25.55 -19.55
CA ASP B 248 23.43 -24.64 -19.14
C ASP B 248 23.00 -23.17 -19.26
N LEU B 249 21.91 -22.81 -18.59
CA LEU B 249 21.37 -21.45 -18.62
C LEU B 249 21.05 -20.93 -17.22
N PRO B 250 21.30 -19.62 -16.97
CA PRO B 250 21.04 -19.01 -15.66
C PRO B 250 19.55 -18.94 -15.36
N VAL B 251 19.19 -18.55 -14.14
CA VAL B 251 17.82 -18.68 -13.65
C VAL B 251 16.80 -17.84 -14.43
N GLU B 252 17.27 -16.72 -14.98
CA GLU B 252 16.44 -15.82 -15.75
C GLU B 252 16.24 -16.29 -17.19
N GLU B 253 16.95 -17.35 -17.59
CA GLU B 253 16.89 -17.83 -18.97
C GLU B 253 16.32 -19.23 -19.01
N ARG B 254 15.31 -19.49 -18.19
CA ARG B 254 14.77 -20.84 -18.08
C ARG B 254 13.29 -20.94 -18.44
N LEU B 255 12.78 -19.92 -19.13
CA LEU B 255 11.39 -19.90 -19.57
C LEU B 255 11.06 -21.10 -20.45
N GLU B 256 11.89 -21.32 -21.47
CA GLU B 256 11.68 -22.40 -22.41
C GLU B 256 11.77 -23.75 -21.72
N GLY B 257 12.80 -23.92 -20.89
CA GLY B 257 12.99 -25.15 -20.16
C GLY B 257 11.80 -25.45 -19.26
N THR B 258 11.36 -24.44 -18.53
CA THR B 258 10.22 -24.60 -17.63
C THR B 258 9.01 -25.07 -18.42
N GLY B 259 8.78 -24.43 -19.56
CA GLY B 259 7.63 -24.73 -20.40
C GLY B 259 7.61 -26.17 -20.84
N ALA B 260 8.76 -26.70 -21.24
CA ALA B 260 8.82 -28.12 -21.58
C ALA B 260 8.37 -28.97 -20.40
N THR B 261 8.81 -28.62 -19.20
CA THR B 261 8.43 -29.43 -18.03
C THR B 261 6.93 -29.35 -17.78
N VAL B 262 6.39 -28.17 -17.98
CA VAL B 262 4.95 -27.93 -17.85
C VAL B 262 4.14 -28.75 -18.85
N CYS B 263 4.53 -28.70 -20.11
CA CYS B 263 3.84 -29.46 -21.14
C CYS B 263 3.91 -30.94 -20.82
N LEU B 264 5.07 -31.40 -20.42
CA LEU B 264 5.24 -32.83 -20.16
C LEU B 264 4.39 -33.25 -18.95
N GLY B 265 4.38 -32.41 -17.92
CA GLY B 265 3.61 -32.70 -16.73
C GLY B 265 2.12 -32.75 -17.03
N ILE B 266 1.66 -31.82 -17.85
CA ILE B 266 0.24 -31.81 -18.19
C ILE B 266 -0.10 -33.04 -19.03
N GLU B 267 0.78 -33.42 -19.93
CA GLU B 267 0.54 -34.64 -20.73
C GLU B 267 0.48 -35.87 -19.83
N LYS B 268 1.20 -35.83 -18.72
CA LYS B 268 1.20 -36.92 -17.77
C LYS B 268 0.11 -36.80 -16.69
N GLY B 269 -0.81 -35.87 -16.88
CA GLY B 269 -2.04 -35.85 -16.11
C GLY B 269 -2.09 -34.98 -14.85
N CYS B 270 -1.16 -34.03 -14.73
CA CYS B 270 -1.11 -33.16 -13.56
CA CYS B 270 -1.13 -33.18 -13.55
C CYS B 270 -2.26 -32.16 -13.58
N GLU B 271 -2.81 -31.85 -12.41
CA GLU B 271 -3.95 -30.94 -12.33
C GLU B 271 -3.54 -29.47 -12.13
N PHE B 272 -2.38 -29.22 -11.50
CA PHE B 272 -1.91 -27.85 -11.29
C PHE B 272 -0.47 -27.73 -11.76
N VAL B 273 -0.06 -26.52 -12.13
CA VAL B 273 1.37 -26.21 -12.27
C VAL B 273 1.67 -24.92 -11.51
N ARG B 274 2.79 -24.90 -10.80
CA ARG B 274 3.18 -23.77 -9.96
C ARG B 274 4.33 -23.08 -10.66
N VAL B 275 4.11 -21.84 -11.10
CA VAL B 275 5.04 -21.21 -12.02
C VAL B 275 5.32 -19.75 -11.70
N HIS B 276 6.50 -19.26 -12.09
CA HIS B 276 6.83 -17.84 -11.96
C HIS B 276 6.25 -17.06 -13.14
N ASP B 277 6.33 -17.66 -14.33
CA ASP B 277 5.98 -16.93 -15.55
C ASP B 277 4.55 -17.24 -15.99
N VAL B 278 3.59 -16.59 -15.33
CA VAL B 278 2.18 -16.94 -15.49
C VAL B 278 1.68 -16.77 -16.93
N LYS B 279 1.96 -15.61 -17.52
CA LYS B 279 1.55 -15.32 -18.90
C LYS B 279 1.95 -16.42 -19.88
N GLU B 280 3.25 -16.70 -19.97
CA GLU B 280 3.76 -17.71 -20.90
C GLU B 280 3.26 -19.13 -20.59
N MET B 281 3.36 -19.55 -19.33
CA MET B 281 2.95 -20.90 -18.96
C MET B 281 1.44 -21.10 -19.10
N SER B 282 0.65 -20.06 -18.82
CA SER B 282 -0.80 -20.20 -18.98
C SER B 282 -1.19 -20.42 -20.44
N ARG B 283 -0.55 -19.70 -21.36
CA ARG B 283 -0.72 -19.95 -22.79
C ARG B 283 -0.35 -21.38 -23.18
N MET B 284 0.76 -21.86 -22.64
CA MET B 284 1.24 -23.19 -22.98
C MET B 284 0.34 -24.27 -22.41
N ALA B 285 -0.13 -24.04 -21.19
CA ALA B 285 -1.02 -24.98 -20.53
C ALA B 285 -2.33 -25.06 -21.30
N LYS B 286 -2.84 -23.90 -21.70
CA LYS B 286 -4.09 -23.85 -22.46
C LYS B 286 -3.98 -24.58 -23.79
N MET B 287 -2.81 -24.52 -24.43
CA MET B 287 -2.64 -25.23 -25.69
C MET B 287 -2.56 -26.75 -25.43
N MET B 288 -1.83 -27.15 -24.39
CA MET B 288 -1.75 -28.57 -24.04
C MET B 288 -3.13 -29.11 -23.70
N ASP B 289 -3.86 -28.36 -22.87
CA ASP B 289 -5.20 -28.74 -22.45
C ASP B 289 -6.05 -29.05 -23.68
N ALA B 290 -5.97 -28.20 -24.69
CA ALA B 290 -6.74 -28.39 -25.91
C ALA B 290 -6.35 -29.63 -26.68
N MET B 291 -5.05 -29.93 -26.74
CA MET B 291 -4.60 -31.06 -27.56
C MET B 291 -4.91 -32.37 -26.87
N ILE B 292 -4.71 -32.43 -25.56
CA ILE B 292 -4.96 -33.68 -24.83
C ILE B 292 -6.44 -33.82 -24.47
N GLY B 293 -7.25 -32.86 -24.90
CA GLY B 293 -8.69 -32.95 -24.77
C GLY B 293 -9.19 -32.79 -23.36
N LYS B 294 -8.46 -32.04 -22.55
CA LYS B 294 -8.95 -31.66 -21.23
C LYS B 294 -9.98 -30.53 -21.41
N GLY B 295 -11.21 -30.77 -20.96
CA GLY B 295 -12.30 -29.84 -21.19
C GLY B 295 -12.94 -30.06 -22.56
#